data_6RCY
#
_entry.id   6RCY
#
_cell.length_a   52.960
_cell.length_b   52.960
_cell.length_c   237.860
_cell.angle_alpha   90.00
_cell.angle_beta   90.00
_cell.angle_gamma   120.00
#
_symmetry.space_group_name_H-M   'P 65 2 2'
#
loop_
_entity.id
_entity.type
_entity.pdbx_description
1 polymer 'Peptidyl-prolyl cis-trans isomerase FKBP4'
2 non-polymer '(2~{S})-5-carbamimidamido-2-[[(2~{S})-2-[[(2~{S})-1-[5-(dimethylamino)naphthalen-1-yl]sulfonylpiperidin-2-yl]carbonylamino]-4-phenyl-butanoyl]amino]pentanoic acid'
3 water water
#
_entity_poly.entity_id   1
_entity_poly.type   'polypeptide(L)'
_entity_poly.pdbx_seq_one_letter_code
;MTAEEMKATESGAQSAPLPMEGVDISPKQDEGVLKVIKREGTGTEMPMIGDRVFVHYTGWLLDGTKFDSSLDRKDKFSFD
LGKGEVIKAWDIAIATMKVGEVCHITCKPEYAYGSAGSPPKIPPNATLVFEVELFEFKGEDLTEEEDG
;
_entity_poly.pdbx_strand_id   A
#
loop_
_chem_comp.id
_chem_comp.type
_chem_comp.name
_chem_comp.formula
K0T non-polymer '(2~{S})-5-carbamimidamido-2-[[(2~{S})-2-[[(2~{S})-1-[5-(dimethylamino)naphthalen-1-yl]sulfonylpiperidin-2-yl]carbonylamino]-4-phenyl-butanoyl]amino]pentanoic acid' 'C34 H45 N7 O6 S'
#
# COMPACT_ATOMS: atom_id res chain seq x y z
N LEU A 18 -3.35 15.30 5.02
CA LEU A 18 -2.52 16.49 5.00
C LEU A 18 -1.01 16.21 5.21
N PRO A 19 -0.53 15.32 6.14
CA PRO A 19 0.93 15.15 6.30
C PRO A 19 1.57 14.06 5.44
N MET A 20 2.77 14.39 4.89
CA MET A 20 3.59 13.47 4.09
C MET A 20 4.75 13.01 4.97
N GLU A 21 4.54 11.93 5.71
CA GLU A 21 5.50 11.42 6.66
C GLU A 21 6.02 10.04 6.34
N GLY A 22 7.20 9.72 6.82
CA GLY A 22 7.77 8.40 6.68
C GLY A 22 9.18 8.27 6.16
N VAL A 23 9.69 7.05 6.31
CA VAL A 23 10.99 6.56 5.87
C VAL A 23 10.90 6.48 4.34
N ASP A 24 11.93 6.94 3.62
CA ASP A 24 11.92 6.79 2.18
C ASP A 24 12.26 5.32 1.89
N ILE A 25 11.31 4.57 1.32
CA ILE A 25 11.48 3.14 1.04
C ILE A 25 11.58 2.88 -0.49
N SER A 26 11.64 3.94 -1.29
CA SER A 26 11.75 3.79 -2.75
C SER A 26 13.13 3.19 -3.08
N PRO A 27 13.26 2.23 -4.03
CA PRO A 27 14.59 1.66 -4.34
C PRO A 27 15.61 2.69 -4.82
N LYS A 28 15.16 3.70 -5.58
CA LYS A 28 16.04 4.76 -6.07
C LYS A 28 16.41 5.77 -4.98
N GLN A 29 15.71 5.73 -3.82
CA GLN A 29 15.90 6.62 -2.66
C GLN A 29 15.71 8.11 -3.04
N ASP A 30 14.62 8.41 -3.76
CA ASP A 30 14.25 9.74 -4.27
C ASP A 30 12.99 10.30 -3.57
N GLU A 31 12.64 9.75 -2.40
CA GLU A 31 11.46 10.13 -1.60
C GLU A 31 10.14 9.90 -2.32
N GLY A 32 10.15 9.02 -3.31
CA GLY A 32 8.94 8.72 -4.07
C GLY A 32 7.89 7.95 -3.30
N VAL A 33 8.33 7.17 -2.28
CA VAL A 33 7.44 6.33 -1.47
C VAL A 33 7.88 6.46 -0.02
N LEU A 34 7.01 7.02 0.84
CA LEU A 34 7.31 7.22 2.27
C LEU A 34 6.38 6.36 3.13
N LYS A 35 6.90 5.75 4.18
CA LYS A 35 6.13 4.87 5.06
C LYS A 35 6.26 5.18 6.54
N VAL A 36 5.12 5.20 7.23
CA VAL A 36 5.00 5.32 8.68
C VAL A 36 4.27 4.06 9.16
N ILE A 37 4.82 3.32 10.11
CA ILE A 37 4.13 2.18 10.72
C ILE A 37 3.27 2.76 11.86
N LYS A 38 1.98 2.50 11.81
CA LYS A 38 1.01 2.96 12.82
C LYS A 38 0.78 1.83 13.84
N ARG A 39 0.82 0.56 13.39
CA ARG A 39 0.72 -0.60 14.26
C ARG A 39 1.68 -1.65 13.75
N GLU A 40 2.60 -2.06 14.63
CA GLU A 40 3.59 -3.06 14.32
C GLU A 40 2.93 -4.42 14.16
N GLY A 41 3.32 -5.11 13.09
CA GLY A 41 2.82 -6.45 12.82
C GLY A 41 3.54 -7.49 13.63
N THR A 42 3.07 -8.71 13.56
CA THR A 42 3.73 -9.78 14.30
C THR A 42 4.41 -10.65 13.22
N GLY A 43 5.34 -11.46 13.66
CA GLY A 43 6.13 -12.31 12.79
C GLY A 43 7.41 -11.60 12.39
N THR A 44 8.04 -12.17 11.37
CA THR A 44 9.32 -11.70 10.82
C THR A 44 9.25 -11.68 9.29
N GLU A 45 8.33 -12.48 8.74
CA GLU A 45 8.15 -12.68 7.33
C GLU A 45 7.44 -11.55 6.65
N MET A 46 7.94 -11.16 5.48
CA MET A 46 7.29 -10.17 4.61
C MET A 46 6.93 -10.86 3.30
N PRO A 47 5.84 -10.48 2.62
CA PRO A 47 5.51 -11.15 1.35
C PRO A 47 6.56 -10.97 0.27
N MET A 48 6.77 -12.01 -0.55
CA MET A 48 7.73 -12.07 -1.67
C MET A 48 7.05 -11.69 -2.98
N ILE A 49 7.87 -11.50 -4.01
CA ILE A 49 7.37 -11.20 -5.36
C ILE A 49 6.61 -12.42 -5.84
N GLY A 50 5.39 -12.20 -6.32
CA GLY A 50 4.52 -13.26 -6.80
C GLY A 50 3.50 -13.75 -5.78
N ASP A 51 3.71 -13.42 -4.51
CA ASP A 51 2.79 -13.82 -3.46
C ASP A 51 1.51 -13.05 -3.60
N ARG A 52 0.40 -13.70 -3.25
CA ARG A 52 -0.89 -13.04 -3.25
C ARG A 52 -1.08 -12.43 -1.86
N VAL A 53 -1.34 -11.14 -1.85
CA VAL A 53 -1.47 -10.33 -0.64
C VAL A 53 -2.91 -9.85 -0.48
N PHE A 54 -3.37 -9.80 0.79
CA PHE A 54 -4.73 -9.44 1.18
C PHE A 54 -4.64 -8.29 2.14
N VAL A 55 -5.22 -7.15 1.76
CA VAL A 55 -5.19 -5.95 2.58
C VAL A 55 -6.55 -5.31 2.76
N HIS A 56 -6.59 -4.36 3.68
CA HIS A 56 -7.67 -3.39 3.84
C HIS A 56 -6.98 -2.06 3.77
N TYR A 57 -7.57 -1.12 3.00
CA TYR A 57 -6.97 0.20 2.80
C TYR A 57 -7.98 1.30 2.68
N THR A 58 -7.50 2.52 2.89
CA THR A 58 -8.23 3.77 2.65
C THR A 58 -7.21 4.69 2.02
N GLY A 59 -7.64 5.32 0.92
CA GLY A 59 -6.82 6.25 0.16
C GLY A 59 -7.39 7.64 0.20
N TRP A 60 -6.52 8.62 0.46
CA TRP A 60 -6.85 10.02 0.54
C TRP A 60 -5.93 10.83 -0.34
N LEU A 61 -6.44 11.96 -0.87
CA LEU A 61 -5.64 12.95 -1.60
C LEU A 61 -5.00 13.82 -0.51
N LEU A 62 -3.96 14.63 -0.85
CA LEU A 62 -3.31 15.48 0.18
C LEU A 62 -4.28 16.48 0.86
N ASP A 63 -5.39 16.85 0.17
CA ASP A 63 -6.40 17.77 0.72
C ASP A 63 -7.42 17.08 1.66
N GLY A 64 -7.12 15.84 2.07
CA GLY A 64 -7.89 15.03 3.01
C GLY A 64 -9.09 14.31 2.42
N THR A 65 -9.29 14.44 1.10
CA THR A 65 -10.42 13.84 0.37
C THR A 65 -10.21 12.35 0.19
N LYS A 66 -11.12 11.55 0.75
CA LYS A 66 -11.12 10.09 0.66
C LYS A 66 -11.58 9.69 -0.74
N PHE A 67 -10.71 9.09 -1.57
CA PHE A 67 -11.06 8.67 -2.93
C PHE A 67 -11.50 7.20 -3.04
N ASP A 68 -11.06 6.33 -2.13
CA ASP A 68 -11.40 4.90 -2.13
C ASP A 68 -11.08 4.21 -0.83
N SER A 69 -11.87 3.19 -0.45
CA SER A 69 -11.66 2.40 0.77
C SER A 69 -12.25 1.02 0.59
N SER A 70 -11.45 -0.02 0.90
CA SER A 70 -11.91 -1.40 0.82
C SER A 70 -12.82 -1.74 1.99
N LEU A 71 -12.72 -0.98 3.10
CA LEU A 71 -13.55 -1.15 4.30
C LEU A 71 -15.03 -1.01 3.98
N ASP A 72 -15.36 -0.16 3.00
CA ASP A 72 -16.73 0.03 2.56
C ASP A 72 -17.28 -1.22 1.81
N ARG A 73 -16.40 -2.21 1.48
CA ARG A 73 -16.71 -3.45 0.74
C ARG A 73 -16.76 -4.72 1.60
N LYS A 74 -17.34 -5.81 1.05
CA LYS A 74 -17.60 -7.08 1.72
C LYS A 74 -16.36 -7.90 2.13
N ASP A 75 -15.18 -7.64 1.55
CA ASP A 75 -13.97 -8.37 1.93
C ASP A 75 -12.70 -7.58 1.65
N LYS A 76 -11.55 -8.21 1.92
CA LYS A 76 -10.21 -7.65 1.71
C LYS A 76 -9.92 -7.52 0.20
N PHE A 77 -9.03 -6.57 -0.14
CA PHE A 77 -8.54 -6.30 -1.49
C PHE A 77 -7.30 -7.23 -1.70
N SER A 78 -7.28 -8.00 -2.80
CA SER A 78 -6.18 -8.92 -3.09
C SER A 78 -5.57 -8.73 -4.48
N PHE A 79 -4.28 -9.06 -4.59
CA PHE A 79 -3.51 -8.95 -5.83
C PHE A 79 -2.20 -9.69 -5.63
N ASP A 80 -1.44 -9.91 -6.73
CA ASP A 80 -0.12 -10.54 -6.72
C ASP A 80 0.94 -9.44 -6.63
N LEU A 81 1.80 -9.55 -5.62
CA LEU A 81 2.86 -8.61 -5.32
C LEU A 81 3.99 -8.60 -6.34
N GLY A 82 4.46 -7.40 -6.66
CA GLY A 82 5.59 -7.13 -7.56
C GLY A 82 5.36 -7.45 -9.01
N LYS A 83 4.07 -7.51 -9.44
CA LYS A 83 3.71 -7.82 -10.82
C LYS A 83 3.14 -6.65 -11.60
N GLY A 84 3.14 -5.45 -11.02
CA GLY A 84 2.61 -4.28 -11.70
C GLY A 84 1.10 -4.24 -11.90
N GLU A 85 0.34 -4.97 -11.07
CA GLU A 85 -1.12 -4.96 -11.04
C GLU A 85 -1.64 -3.72 -10.29
N VAL A 86 -0.83 -3.19 -9.39
CA VAL A 86 -1.14 -2.02 -8.57
C VAL A 86 -0.10 -0.94 -8.84
N ILE A 87 -0.35 0.29 -8.36
CA ILE A 87 0.62 1.36 -8.58
C ILE A 87 1.98 0.97 -8.03
N LYS A 88 3.06 1.53 -8.61
CA LYS A 88 4.45 1.25 -8.21
C LYS A 88 4.64 1.35 -6.73
N ALA A 89 4.08 2.39 -6.10
CA ALA A 89 4.21 2.65 -4.68
C ALA A 89 3.74 1.51 -3.80
N TRP A 90 2.66 0.83 -4.23
CA TRP A 90 2.08 -0.32 -3.54
C TRP A 90 2.96 -1.58 -3.66
N ASP A 91 3.53 -1.83 -4.86
CA ASP A 91 4.41 -2.97 -5.05
C ASP A 91 5.66 -2.80 -4.17
N ILE A 92 6.11 -1.55 -4.01
CA ILE A 92 7.26 -1.23 -3.17
C ILE A 92 6.89 -1.43 -1.69
N ALA A 93 5.81 -0.75 -1.24
CA ALA A 93 5.40 -0.69 0.15
C ALA A 93 4.92 -1.97 0.76
N ILE A 94 4.08 -2.74 0.06
CA ILE A 94 3.52 -3.98 0.62
C ILE A 94 4.64 -5.02 0.86
N ALA A 95 5.74 -4.97 0.05
CA ALA A 95 6.88 -5.86 0.19
C ALA A 95 7.66 -5.64 1.50
N THR A 96 7.42 -4.48 2.16
CA THR A 96 8.09 -4.13 3.43
C THR A 96 7.17 -4.36 4.62
N MET A 97 5.98 -4.93 4.41
CA MET A 97 5.01 -5.11 5.50
C MET A 97 5.05 -6.48 6.13
N LYS A 98 4.77 -6.54 7.44
CA LYS A 98 4.63 -7.78 8.16
C LYS A 98 3.10 -8.02 8.33
N VAL A 99 2.69 -9.26 8.55
CA VAL A 99 1.27 -9.55 8.75
C VAL A 99 0.78 -8.92 10.06
N GLY A 100 -0.35 -8.22 9.95
CA GLY A 100 -0.95 -7.53 11.08
C GLY A 100 -0.52 -6.09 11.17
N GLU A 101 0.44 -5.69 10.32
CA GLU A 101 0.95 -4.33 10.30
C GLU A 101 -0.09 -3.42 9.68
N VAL A 102 -0.19 -2.22 10.23
CA VAL A 102 -0.96 -1.08 9.73
C VAL A 102 0.08 0.04 9.46
N CYS A 103 0.11 0.55 8.23
CA CYS A 103 1.03 1.62 7.89
C CYS A 103 0.34 2.71 7.13
N HIS A 104 1.00 3.83 7.00
CA HIS A 104 0.60 4.98 6.19
C HIS A 104 1.68 5.11 5.12
N ILE A 105 1.27 5.12 3.87
CA ILE A 105 2.13 5.21 2.70
C ILE A 105 1.87 6.53 1.96
N THR A 106 2.92 7.27 1.65
CA THR A 106 2.82 8.51 0.86
C THR A 106 3.43 8.20 -0.49
N CYS A 107 2.62 8.34 -1.53
CA CYS A 107 2.95 7.97 -2.91
C CYS A 107 3.08 9.21 -3.77
N LYS A 108 4.30 9.52 -4.26
CA LYS A 108 4.50 10.66 -5.15
C LYS A 108 3.94 10.28 -6.53
N PRO A 109 3.54 11.26 -7.37
CA PRO A 109 2.93 10.91 -8.68
C PRO A 109 3.71 9.95 -9.57
N GLU A 110 5.05 10.00 -9.57
CA GLU A 110 5.92 9.12 -10.37
C GLU A 110 5.72 7.62 -10.02
N TYR A 111 5.23 7.36 -8.79
CA TYR A 111 5.00 6.04 -8.20
C TYR A 111 3.51 5.82 -8.03
N ALA A 112 2.69 6.68 -8.65
CA ALA A 112 1.24 6.53 -8.60
C ALA A 112 0.65 6.66 -10.01
N TYR A 113 -0.08 7.76 -10.34
CA TYR A 113 -0.73 7.92 -11.64
C TYR A 113 -0.10 9.02 -12.54
N GLY A 114 1.07 9.52 -12.14
CA GLY A 114 1.81 10.54 -12.87
C GLY A 114 1.01 11.76 -13.29
N SER A 115 1.35 12.32 -14.46
CA SER A 115 0.66 13.52 -14.94
C SER A 115 -0.72 13.23 -15.52
N ALA A 116 -1.05 11.96 -15.82
CA ALA A 116 -2.36 11.64 -16.39
C ALA A 116 -3.46 11.63 -15.31
N GLY A 117 -3.15 11.08 -14.15
CA GLY A 117 -4.11 10.90 -13.07
C GLY A 117 -4.99 9.71 -13.38
N SER A 118 -6.16 9.64 -12.74
CA SER A 118 -7.13 8.56 -12.93
C SER A 118 -8.54 9.11 -12.68
N PRO A 119 -9.11 9.78 -13.70
CA PRO A 119 -10.46 10.35 -13.55
C PRO A 119 -11.56 9.33 -13.23
N PRO A 120 -12.53 9.73 -12.39
CA PRO A 120 -12.69 11.05 -11.76
C PRO A 120 -12.08 11.23 -10.37
N LYS A 121 -11.72 10.13 -9.67
CA LYS A 121 -11.26 10.23 -8.27
C LYS A 121 -9.83 10.74 -8.03
N ILE A 122 -8.89 10.59 -9.00
CA ILE A 122 -7.51 11.04 -8.83
C ILE A 122 -7.11 12.10 -9.87
N PRO A 123 -6.73 13.32 -9.44
CA PRO A 123 -6.33 14.36 -10.40
C PRO A 123 -4.88 14.20 -10.91
N PRO A 124 -4.46 15.04 -11.91
CA PRO A 124 -3.07 14.93 -12.41
C PRO A 124 -2.07 15.31 -11.36
N ASN A 125 -0.86 14.72 -11.46
CA ASN A 125 0.30 14.91 -10.58
C ASN A 125 -0.05 14.93 -9.09
N ALA A 126 -0.88 13.96 -8.67
CA ALA A 126 -1.35 13.84 -7.29
C ALA A 126 -0.50 12.93 -6.45
N THR A 127 -0.17 13.43 -5.24
CA THR A 127 0.49 12.66 -4.19
C THR A 127 -0.67 11.99 -3.42
N LEU A 128 -0.57 10.68 -3.22
CA LEU A 128 -1.61 9.93 -2.53
C LEU A 128 -1.17 9.46 -1.17
N VAL A 129 -2.10 9.41 -0.22
CA VAL A 129 -1.86 8.87 1.13
C VAL A 129 -2.74 7.65 1.27
N PHE A 130 -2.17 6.54 1.71
CA PHE A 130 -2.93 5.34 1.97
C PHE A 130 -2.67 4.83 3.34
N GLU A 131 -3.72 4.38 4.04
CA GLU A 131 -3.57 3.65 5.29
C GLU A 131 -3.81 2.20 4.89
N VAL A 132 -2.82 1.35 5.09
CA VAL A 132 -2.91 -0.06 4.68
C VAL A 132 -2.69 -1.03 5.83
N GLU A 133 -3.54 -2.04 5.95
CA GLU A 133 -3.41 -3.14 6.92
C GLU A 133 -3.19 -4.45 6.15
N LEU A 134 -2.09 -5.17 6.42
CA LEU A 134 -1.77 -6.45 5.76
C LEU A 134 -2.38 -7.57 6.57
N PHE A 135 -3.39 -8.21 5.99
CA PHE A 135 -4.11 -9.28 6.66
C PHE A 135 -3.55 -10.68 6.43
N GLU A 136 -3.05 -10.92 5.22
CA GLU A 136 -2.60 -12.25 4.85
C GLU A 136 -1.72 -12.18 3.61
N PHE A 137 -0.85 -13.19 3.44
CA PHE A 137 -0.12 -13.38 2.19
C PHE A 137 0.00 -14.89 1.95
N LYS A 138 -0.22 -15.29 0.70
CA LYS A 138 -0.16 -16.68 0.26
C LYS A 138 1.12 -16.82 -0.55
N GLY A 139 2.10 -17.50 0.03
CA GLY A 139 3.37 -17.78 -0.60
C GLY A 139 3.33 -19.10 -1.35
N GLU A 140 4.48 -19.54 -1.87
CA GLU A 140 4.58 -20.78 -2.65
C GLU A 140 4.15 -22.02 -1.83
N ASP A 141 4.64 -22.09 -0.58
CA ASP A 141 4.35 -23.20 0.31
C ASP A 141 3.58 -22.78 1.57
N LEU A 142 3.81 -21.56 2.07
CA LEU A 142 3.14 -21.10 3.29
C LEU A 142 2.21 -19.91 3.13
N THR A 143 1.09 -19.95 3.88
CA THR A 143 0.15 -18.85 4.01
C THR A 143 0.32 -18.31 5.43
N GLU A 144 0.40 -16.99 5.57
CA GLU A 144 0.52 -16.30 6.85
C GLU A 144 -0.65 -15.32 7.00
N GLU A 145 -1.43 -15.41 8.08
CA GLU A 145 -2.54 -14.47 8.25
C GLU A 145 -2.72 -14.01 9.69
N GLU A 146 -3.43 -12.89 9.91
CA GLU A 146 -3.73 -12.50 11.29
C GLU A 146 -4.90 -13.35 11.82
N ASP A 147 -5.04 -13.47 13.15
CA ASP A 147 -6.13 -14.29 13.71
C ASP A 147 -7.51 -13.65 13.54
N GLY A 148 -8.52 -14.48 13.26
CA GLY A 148 -9.90 -14.05 13.07
C GLY A 148 -10.79 -15.11 12.45
O3 K0T B . -4.70 1.47 -11.03
C4 K0T B . -8.43 3.95 -9.96
C5 K0T B . -7.63 4.80 -9.26
O4 K0T B . -3.00 -1.54 -14.10
C6 K0T B . -7.25 4.50 -7.96
N1 K0T B . -6.13 1.50 -6.02
C7 K0T B . -7.65 3.35 -7.36
C8 K0T B . -8.55 2.46 -8.02
N2 K0T B . -5.38 0.28 -8.52
C9 K0T B . -9.15 1.33 -7.40
O5 K0T B . -3.63 0.55 -14.65
C10 K0T B . -10.04 0.54 -8.07
C11 K0T B . -10.37 0.80 -9.39
C12 K0T B . -6.65 0.26 -5.37
N3 K0T B . -3.51 -0.40 -11.46
C13 K0T B . -5.63 -0.33 -4.43
C14 K0T B . -4.54 0.67 -4.12
C15 K0T B . -3.77 1.07 -5.36
N4 K0T B . 2.30 0.01 -13.58
N K0T B . -10.05 2.10 -11.47
C K0T B . -9.41 1.15 -12.37
O K0T B . -7.89 2.77 -4.82
C1 K0T B . -11.34 2.64 -11.86
S K0T B . -6.88 2.95 -5.81
O1 K0T B . -5.85 3.92 -5.60
C16 K0T B . -4.72 1.45 -6.50
C17 K0T B . -4.36 0.66 -7.76
C18 K0T B . -5.25 -0.48 -9.75
C19 K0T B . -6.63 -0.90 -10.26
C2 K0T B . -9.82 1.88 -10.07
C20 K0T B . -7.34 -1.88 -9.31
C21 K0T B . -8.73 -2.31 -9.69
C22 K0T B . -9.61 -2.80 -8.73
C23 K0T B . -10.89 -3.19 -9.06
C24 K0T B . -11.33 -3.10 -10.38
C25 K0T B . -10.46 -2.62 -11.34
C26 K0T B . -9.17 -2.24 -11.01
C27 K0T B . -4.46 0.29 -10.83
C28 K0T B . -2.64 0.16 -12.49
C29 K0T B . -1.19 -0.28 -12.27
C3 K0T B . -8.92 2.75 -9.38
C30 K0T B . -0.14 0.13 -13.30
C31 K0T B . 1.19 -0.27 -12.65
C32 K0T B . 3.52 -0.31 -13.43
C33 K0T B . -3.14 -0.24 -13.86
N5 K0T B . 4.49 -0.03 -14.30
N6 K0T B . 3.86 -0.98 -12.31
O2 K0T B . -3.17 0.44 -8.04
#